data_6JM8
#
_entry.id   6JM8
#
_cell.length_a   56.573
_cell.length_b   73.781
_cell.length_c   89.414
_cell.angle_alpha   90.00
_cell.angle_beta   90.00
_cell.angle_gamma   90.00
#
_symmetry.space_group_name_H-M   'P 21 21 21'
#
loop_
_entity.id
_entity.type
_entity.pdbx_description
1 polymer ofchtiv-g5
2 branched 2-acetamido-2-deoxy-beta-D-glucopyranose-(1-4)-2-acetamido-2-deoxy-beta-D-glucopyranose-(1-4)-2-acetamido-2-deoxy-beta-D-glucopyranose-(1-4)-2-acetamido-2-deoxy-beta-D-glucopyranose-(1-4)-2-acetamido-2-deoxy-beta-D-glucopyranose
3 water water
#
_entity_poly.entity_id   1
_entity_poly.type   'polypeptide(L)'
_entity_poly.pdbx_seq_one_letter_code
;NDDKIVVCYYGTWATYRTGLGKFDVDDIDPFLCTHLVYAFIGINAEGTALALDPELDVERGNFKQFTSLKEKNPNLKTLV
AVGGWSEGSAQYSIMAAEPEYRQNFIQTSLAMILEYNFDGLDVDWLYPNRRDTVHGEDDIEQFSTLLKELREEFDNYGLL
LTVAVSAVEEAAVQSYDVPSVAKYVDYIGVMTYDMHGAWDSVTGHNAPLFISEGESAEQESTLYNVNNAVQYWLSAGCPP
EKLVMGVPFYGRTFQLSDPSVNAPNSPSNGAGLAGPYTAESGYVGYNEFCYILQQESSWTVQTDNLAKVPYAFLDYNWVS
FDNVESMTAKVEYANSFNLRGIMLWSIETDDFHGLCGEGTFPLLNTINTVLAEGSTEARHNNPPGHHHHHHHH
;
_entity_poly.pdbx_strand_id   A
#
# COMPACT_ATOMS: atom_id res chain seq x y z
N ASP A 3 -11.50 6.12 16.67
CA ASP A 3 -11.15 7.27 15.84
C ASP A 3 -10.62 6.83 14.48
N LYS A 4 -11.14 7.46 13.43
CA LYS A 4 -10.69 7.14 12.08
C LYS A 4 -9.27 7.62 11.85
N ILE A 5 -8.48 6.81 11.16
CA ILE A 5 -7.08 7.11 10.93
C ILE A 5 -6.78 7.12 9.44
N VAL A 6 -5.76 7.88 9.07
CA VAL A 6 -5.27 7.97 7.70
C VAL A 6 -3.80 7.58 7.74
N VAL A 7 -3.46 6.45 7.14
CA VAL A 7 -2.12 5.88 7.20
C VAL A 7 -1.43 6.18 5.87
N CYS A 8 -0.46 7.11 5.89
CA CYS A 8 0.20 7.58 4.68
C CYS A 8 1.55 6.90 4.53
N TYR A 9 1.66 6.01 3.55
CA TYR A 9 2.96 5.44 3.20
C TYR A 9 3.75 6.41 2.34
N TYR A 10 5.03 6.57 2.67
CA TYR A 10 5.92 7.47 1.96
C TYR A 10 7.08 6.64 1.38
N GLY A 11 7.08 6.47 0.07
CA GLY A 11 8.19 5.84 -0.60
C GLY A 11 9.39 6.77 -0.66
N THR A 12 10.31 6.60 0.29
CA THR A 12 11.35 7.60 0.52
C THR A 12 12.28 7.80 -0.68
N TRP A 13 12.39 6.80 -1.56
CA TRP A 13 13.20 6.96 -2.76
C TRP A 13 12.69 8.05 -3.68
N ALA A 14 11.49 8.59 -3.43
CA ALA A 14 10.95 9.66 -4.25
C ALA A 14 11.79 10.93 -4.17
N THR A 15 12.68 11.04 -3.18
CA THR A 15 13.54 12.22 -3.11
C THR A 15 14.54 12.28 -4.26
N TYR A 16 14.79 11.16 -4.94
CA TYR A 16 15.70 11.14 -6.06
C TYR A 16 15.04 11.51 -7.39
N ARG A 17 13.72 11.65 -7.41
CA ARG A 17 13.05 12.07 -8.62
C ARG A 17 13.35 13.54 -8.91
N THR A 18 13.25 13.90 -10.19
CA THR A 18 13.63 15.22 -10.65
C THR A 18 12.41 16.12 -10.81
N GLY A 19 12.67 17.43 -10.71
CA GLY A 19 11.66 18.43 -11.03
C GLY A 19 10.39 18.27 -10.23
N LEU A 20 9.26 18.36 -10.92
CA LEU A 20 7.95 18.27 -10.28
C LEU A 20 7.63 16.87 -9.76
N GLY A 21 8.52 15.90 -9.97
CA GLY A 21 8.32 14.57 -9.43
C GLY A 21 9.01 14.39 -8.08
N LYS A 22 9.96 15.26 -7.78
CA LYS A 22 10.68 15.18 -6.51
C LYS A 22 9.74 15.39 -5.34
N PHE A 23 9.83 14.49 -4.35
CA PHE A 23 8.96 14.55 -3.16
C PHE A 23 9.83 14.22 -1.95
N ASP A 24 10.20 15.25 -1.19
CA ASP A 24 11.00 15.12 0.02
C ASP A 24 10.09 15.06 1.24
N VAL A 25 10.72 14.90 2.41
CA VAL A 25 9.99 14.97 3.67
C VAL A 25 9.29 16.33 3.80
N ASP A 26 9.94 17.39 3.33
CA ASP A 26 9.38 18.73 3.44
C ASP A 26 8.16 18.94 2.54
N ASP A 27 7.88 18.02 1.62
CA ASP A 27 6.68 18.12 0.81
C ASP A 27 5.45 17.53 1.48
N ILE A 28 5.63 16.79 2.58
CA ILE A 28 4.52 16.19 3.30
C ILE A 28 3.75 17.26 4.06
N ASP A 29 2.41 17.16 4.02
CA ASP A 29 1.55 17.95 4.89
C ASP A 29 1.20 17.08 6.09
N PRO A 30 1.80 17.30 7.26
CA PRO A 30 1.60 16.37 8.39
C PRO A 30 0.22 16.45 9.01
N PHE A 31 -0.64 17.35 8.56
CA PHE A 31 -2.01 17.43 9.07
C PHE A 31 -3.02 16.71 8.19
N LEU A 32 -2.57 16.14 7.07
CA LEU A 32 -3.43 15.33 6.22
C LEU A 32 -3.31 13.84 6.54
N CYS A 33 -2.42 13.47 7.46
CA CYS A 33 -2.27 12.09 7.90
C CYS A 33 -2.32 12.05 9.42
N THR A 34 -2.77 10.92 9.95
CA THR A 34 -2.63 10.62 11.36
C THR A 34 -1.45 9.71 11.64
N HIS A 35 -1.11 8.85 10.69
CA HIS A 35 0.03 7.96 10.77
C HIS A 35 0.84 8.08 9.49
N LEU A 36 2.13 8.36 9.62
CA LEU A 36 3.04 8.43 8.49
C LEU A 36 4.05 7.30 8.59
N VAL A 37 4.28 6.60 7.49
CA VAL A 37 5.06 5.37 7.47
C VAL A 37 6.25 5.54 6.54
N TYR A 38 7.45 5.34 7.09
CA TYR A 38 8.69 5.46 6.34
C TYR A 38 9.01 4.12 5.70
N ALA A 39 8.90 4.04 4.38
CA ALA A 39 9.16 2.82 3.62
C ALA A 39 10.43 3.01 2.80
N PHE A 40 11.35 2.03 2.84
CA PHE A 40 11.33 0.87 3.73
C PHE A 40 12.68 0.72 4.41
N ILE A 41 12.71 0.01 5.54
CA ILE A 41 13.94 -0.59 6.02
C ILE A 41 13.90 -2.08 5.69
N GLY A 42 15.03 -2.75 5.86
CA GLY A 42 15.09 -4.17 5.57
C GLY A 42 15.85 -4.97 6.62
N ILE A 43 16.11 -6.24 6.32
CA ILE A 43 16.87 -7.12 7.21
C ILE A 43 17.87 -7.90 6.38
N ASN A 44 18.86 -8.46 7.07
CA ASN A 44 19.74 -9.45 6.48
C ASN A 44 19.27 -10.83 6.90
N ALA A 45 20.07 -11.86 6.60
CA ALA A 45 19.64 -13.23 6.84
C ALA A 45 19.68 -13.64 8.30
N GLU A 46 20.24 -12.83 9.20
CA GLU A 46 20.12 -13.12 10.62
C GLU A 46 19.14 -12.18 11.32
N GLY A 47 18.26 -11.54 10.55
CA GLY A 47 17.20 -10.72 11.11
C GLY A 47 17.62 -9.33 11.55
N THR A 48 18.89 -8.96 11.37
CA THR A 48 19.34 -7.63 11.73
C THR A 48 18.59 -6.58 10.90
N ALA A 49 17.88 -5.68 11.57
CA ALA A 49 17.24 -4.59 10.87
C ALA A 49 18.29 -3.61 10.36
N LEU A 50 18.13 -3.16 9.11
CA LEU A 50 19.12 -2.27 8.54
C LEU A 50 18.45 -1.27 7.62
N ALA A 51 19.01 -0.06 7.59
CA ALA A 51 18.61 0.94 6.61
C ALA A 51 19.00 0.46 5.22
N LEU A 52 18.08 0.57 4.27
CA LEU A 52 18.36 0.15 2.90
C LEU A 52 19.10 1.21 2.10
N ASP A 53 19.01 2.48 2.51
CA ASP A 53 19.69 3.58 1.84
C ASP A 53 20.35 4.44 2.92
N PRO A 54 21.43 3.96 3.52
CA PRO A 54 22.02 4.68 4.66
C PRO A 54 22.51 6.08 4.32
N GLU A 55 22.94 6.33 3.08
CA GLU A 55 23.30 7.67 2.67
C GLU A 55 22.14 8.64 2.91
N LEU A 56 20.93 8.25 2.51
CA LEU A 56 19.75 9.08 2.72
C LEU A 56 19.23 8.96 4.15
N ASP A 57 18.96 7.72 4.59
CA ASP A 57 18.27 7.52 5.86
C ASP A 57 19.09 8.04 7.04
N VAL A 58 20.40 7.85 7.01
CA VAL A 58 21.27 8.12 8.17
C VAL A 58 22.13 9.36 7.94
N GLU A 59 22.99 9.35 6.91
CA GLU A 59 23.96 10.42 6.75
C GLU A 59 23.27 11.76 6.49
N ARG A 60 22.25 11.78 5.65
CA ARG A 60 21.53 13.01 5.36
C ARG A 60 20.32 13.20 6.28
N GLY A 61 20.21 12.39 7.33
CA GLY A 61 19.24 12.61 8.38
C GLY A 61 17.79 12.46 7.98
N ASN A 62 17.47 11.59 7.02
CA ASN A 62 16.10 11.50 6.54
C ASN A 62 15.20 10.83 7.57
N PHE A 63 15.69 9.81 8.27
CA PHE A 63 14.93 9.25 9.39
C PHE A 63 14.46 10.34 10.33
N LYS A 64 15.40 11.15 10.80
CA LYS A 64 15.11 12.15 11.83
C LYS A 64 14.25 13.28 11.28
N GLN A 65 14.49 13.68 10.03
CA GLN A 65 13.65 14.68 9.39
C GLN A 65 12.21 14.19 9.30
N PHE A 66 12.02 12.90 9.02
CA PHE A 66 10.68 12.32 8.93
C PHE A 66 9.98 12.37 10.28
N THR A 67 10.62 11.84 11.33
CA THR A 67 9.99 11.83 12.64
C THR A 67 9.85 13.23 13.21
N SER A 68 10.70 14.17 12.78
CA SER A 68 10.59 15.54 13.27
C SER A 68 9.32 16.23 12.78
N LEU A 69 8.60 15.63 11.82
CA LEU A 69 7.31 16.17 11.44
C LEU A 69 6.35 16.26 12.63
N LYS A 70 6.60 15.49 13.69
CA LYS A 70 5.80 15.59 14.91
C LYS A 70 5.97 16.94 15.59
N GLU A 71 7.04 17.68 15.27
CA GLU A 71 7.18 19.04 15.78
C GLU A 71 6.10 19.96 15.22
N LYS A 72 5.63 19.69 14.01
CA LYS A 72 4.57 20.48 13.39
C LYS A 72 3.19 19.99 13.81
N ASN A 73 2.93 18.69 13.68
CA ASN A 73 1.69 18.07 14.14
C ASN A 73 2.01 17.17 15.33
N PRO A 74 1.79 17.63 16.56
CA PRO A 74 2.18 16.81 17.73
C PRO A 74 1.38 15.52 17.87
N ASN A 75 0.20 15.43 17.27
CA ASN A 75 -0.61 14.21 17.37
C ASN A 75 -0.24 13.17 16.32
N LEU A 76 0.59 13.54 15.34
CA LEU A 76 0.98 12.61 14.28
C LEU A 76 1.80 11.45 14.85
N LYS A 77 1.52 10.26 14.34
CA LYS A 77 2.34 9.08 14.62
C LYS A 77 3.18 8.77 13.38
N THR A 78 4.47 8.49 13.60
CA THR A 78 5.39 8.16 12.52
C THR A 78 5.94 6.76 12.76
N LEU A 79 5.71 5.87 11.80
CA LEU A 79 6.19 4.50 11.88
C LEU A 79 7.25 4.26 10.81
N VAL A 80 8.06 3.23 11.03
CA VAL A 80 9.00 2.74 10.04
C VAL A 80 8.50 1.38 9.57
N ALA A 81 8.60 1.14 8.27
CA ALA A 81 8.11 -0.08 7.66
C ALA A 81 9.27 -0.95 7.22
N VAL A 82 9.27 -2.21 7.65
CA VAL A 82 10.30 -3.18 7.30
C VAL A 82 9.72 -4.14 6.27
N GLY A 83 10.48 -4.41 5.22
CA GLY A 83 10.03 -5.34 4.21
C GLY A 83 9.65 -4.67 2.90
N GLY A 84 8.46 -5.00 2.39
CA GLY A 84 8.06 -4.54 1.08
C GLY A 84 8.40 -5.55 0.01
N TRP A 85 8.00 -5.21 -1.22
CA TRP A 85 8.09 -6.14 -2.33
C TRP A 85 9.54 -6.52 -2.62
N SER A 86 10.40 -5.52 -2.84
CA SER A 86 11.77 -5.78 -3.26
C SER A 86 12.55 -6.60 -2.23
N GLU A 87 12.16 -6.51 -0.96
CA GLU A 87 12.90 -7.23 0.08
C GLU A 87 12.68 -8.73 0.01
N GLY A 88 11.62 -9.19 -0.64
CA GLY A 88 11.39 -10.60 -0.80
C GLY A 88 10.79 -11.24 0.46
N SER A 89 10.75 -12.56 0.43
CA SER A 89 10.18 -13.36 1.51
C SER A 89 11.18 -14.28 2.19
N ALA A 90 12.24 -14.69 1.49
CA ALA A 90 13.14 -15.72 2.00
C ALA A 90 13.71 -15.37 3.36
N GLN A 91 14.29 -14.17 3.49
CA GLN A 91 14.98 -13.81 4.72
C GLN A 91 14.00 -13.67 5.88
N TYR A 92 12.80 -13.16 5.62
CA TYR A 92 11.79 -13.08 6.67
C TYR A 92 11.33 -14.47 7.09
N SER A 93 11.21 -15.39 6.14
CA SER A 93 10.91 -16.78 6.48
C SER A 93 12.01 -17.37 7.36
N ILE A 94 13.27 -17.17 6.97
CA ILE A 94 14.39 -17.68 7.75
C ILE A 94 14.41 -17.04 9.14
N MET A 95 14.21 -15.72 9.20
CA MET A 95 14.26 -15.02 10.48
C MET A 95 13.13 -15.45 11.40
N ALA A 96 11.91 -15.57 10.86
CA ALA A 96 10.77 -15.89 11.70
C ALA A 96 10.87 -17.27 12.31
N ALA A 97 11.62 -18.18 11.68
CA ALA A 97 11.66 -19.57 12.10
C ALA A 97 12.68 -19.85 13.19
N GLU A 98 13.57 -18.90 13.51
CA GLU A 98 14.60 -19.15 14.50
C GLU A 98 14.43 -18.22 15.69
N PRO A 99 14.27 -18.73 16.91
CA PRO A 99 14.18 -17.85 18.09
C PRO A 99 15.32 -16.86 18.20
N GLU A 100 16.55 -17.29 17.87
CA GLU A 100 17.68 -16.37 17.92
C GLU A 100 17.54 -15.25 16.89
N TYR A 101 16.99 -15.55 15.71
CA TYR A 101 16.86 -14.52 14.69
C TYR A 101 15.69 -13.58 14.99
N ARG A 102 14.59 -14.12 15.53
CA ARG A 102 13.48 -13.27 15.96
C ARG A 102 13.96 -12.27 17.01
N GLN A 103 14.69 -12.76 18.02
CA GLN A 103 15.19 -11.87 19.07
C GLN A 103 16.11 -10.81 18.49
N ASN A 104 16.98 -11.19 17.55
CA ASN A 104 17.86 -10.20 16.94
C ASN A 104 17.10 -9.19 16.10
N PHE A 105 16.03 -9.61 15.43
CA PHE A 105 15.21 -8.66 14.69
C PHE A 105 14.49 -7.70 15.63
N ILE A 106 13.95 -8.23 16.73
CA ILE A 106 13.24 -7.40 17.68
C ILE A 106 14.18 -6.36 18.29
N GLN A 107 15.38 -6.79 18.68
CA GLN A 107 16.28 -5.88 19.39
C GLN A 107 16.88 -4.83 18.46
N THR A 108 17.22 -5.21 17.23
CA THR A 108 17.82 -4.22 16.34
C THR A 108 16.80 -3.30 15.70
N SER A 109 15.58 -3.78 15.43
CA SER A 109 14.54 -2.87 14.94
C SER A 109 14.10 -1.92 16.03
N LEU A 110 13.96 -2.42 17.27
CA LEU A 110 13.63 -1.53 18.39
C LEU A 110 14.69 -0.45 18.57
N ALA A 111 15.96 -0.82 18.44
CA ALA A 111 17.03 0.16 18.60
C ALA A 111 16.91 1.28 17.58
N MET A 112 16.68 0.92 16.31
CA MET A 112 16.51 1.94 15.28
C MET A 112 15.29 2.80 15.54
N ILE A 113 14.18 2.18 15.94
CA ILE A 113 12.94 2.92 16.19
C ILE A 113 13.15 3.96 17.27
N LEU A 114 13.87 3.60 18.34
CA LEU A 114 14.04 4.51 19.47
C LEU A 114 15.08 5.59 19.19
N GLU A 115 16.17 5.24 18.52
CA GLU A 115 17.21 6.23 18.23
C GLU A 115 16.67 7.35 17.36
N TYR A 116 15.85 7.01 16.36
CA TYR A 116 15.38 7.97 15.38
C TYR A 116 13.99 8.51 15.69
N ASN A 117 13.45 8.19 16.87
CA ASN A 117 12.22 8.78 17.40
C ASN A 117 10.98 8.34 16.63
N PHE A 118 10.99 7.11 16.10
CA PHE A 118 9.78 6.55 15.51
C PHE A 118 8.81 6.11 16.61
N ASP A 119 7.53 6.06 16.26
CA ASP A 119 6.49 5.65 17.19
C ASP A 119 6.06 4.20 17.02
N GLY A 120 6.66 3.46 16.08
CA GLY A 120 6.29 2.07 15.92
C GLY A 120 6.85 1.46 14.65
N LEU A 121 6.47 0.21 14.44
CA LEU A 121 6.97 -0.60 13.35
C LEU A 121 5.80 -1.16 12.54
N ASP A 122 5.89 -1.03 11.22
CA ASP A 122 4.95 -1.63 10.29
C ASP A 122 5.66 -2.80 9.61
N VAL A 123 5.17 -4.02 9.83
CA VAL A 123 5.80 -5.22 9.30
C VAL A 123 5.16 -5.53 7.96
N ASP A 124 5.94 -5.40 6.88
CA ASP A 124 5.40 -5.63 5.54
C ASP A 124 6.13 -6.78 4.86
N TRP A 125 6.00 -7.99 5.42
CA TRP A 125 6.60 -9.17 4.91
C TRP A 125 5.72 -9.67 3.80
N LEU A 126 6.21 -9.64 2.57
CA LEU A 126 5.46 -10.08 1.40
C LEU A 126 6.00 -11.34 0.74
N TYR A 127 5.54 -12.52 1.10
CA TYR A 127 4.55 -12.77 2.16
C TYR A 127 4.89 -14.10 2.82
N PRO A 128 4.35 -14.35 4.02
CA PRO A 128 4.52 -15.68 4.63
C PRO A 128 4.01 -16.77 3.71
N ASN A 129 4.83 -17.81 3.55
CA ASN A 129 4.48 -18.99 2.75
C ASN A 129 4.26 -18.64 1.28
N ARG A 130 4.98 -17.65 0.75
CA ARG A 130 4.81 -17.27 -0.64
C ARG A 130 6.13 -16.78 -1.21
N ARG A 131 6.18 -16.67 -2.54
CA ARG A 131 7.34 -16.19 -3.29
C ARG A 131 8.53 -17.09 -2.96
N ASP A 132 9.68 -16.55 -2.58
CA ASP A 132 10.84 -17.39 -2.26
C ASP A 132 10.90 -17.75 -0.79
N THR A 133 9.75 -18.03 -0.17
CA THR A 133 9.73 -18.50 1.22
C THR A 133 10.60 -19.73 1.36
N VAL A 134 11.26 -19.84 2.51
CA VAL A 134 12.14 -20.97 2.78
C VAL A 134 11.40 -22.08 3.52
N HIS A 135 10.72 -21.73 4.61
CA HIS A 135 10.06 -22.73 5.46
C HIS A 135 8.60 -22.93 5.10
N GLY A 136 8.14 -22.34 4.01
CA GLY A 136 6.81 -22.60 3.47
C GLY A 136 5.68 -22.40 4.45
N GLU A 137 4.91 -23.46 4.67
CA GLU A 137 3.70 -23.36 5.49
C GLU A 137 4.00 -23.01 6.93
N ASP A 138 5.20 -23.36 7.42
CA ASP A 138 5.58 -22.98 8.78
C ASP A 138 5.54 -21.47 8.96
N ASP A 139 5.67 -20.70 7.88
CA ASP A 139 5.68 -19.25 7.95
C ASP A 139 4.42 -18.71 8.61
N ILE A 140 3.27 -19.34 8.36
CA ILE A 140 2.00 -18.82 8.83
C ILE A 140 2.00 -18.69 10.35
N GLU A 141 2.33 -19.79 11.03
CA GLU A 141 2.33 -19.79 12.49
C GLU A 141 3.50 -18.98 13.03
N GLN A 142 4.65 -19.01 12.35
CA GLN A 142 5.82 -18.29 12.83
C GLN A 142 5.67 -16.79 12.64
N PHE A 143 4.93 -16.36 11.62
CA PHE A 143 4.58 -14.94 11.49
C PHE A 143 3.84 -14.45 12.73
N SER A 144 2.86 -15.23 13.18
CA SER A 144 2.10 -14.85 14.37
C SER A 144 2.96 -14.92 15.63
N THR A 145 3.89 -15.88 15.71
CA THR A 145 4.81 -15.93 16.83
C THR A 145 5.70 -14.69 16.85
N LEU A 146 6.13 -14.23 15.67
CA LEU A 146 6.94 -13.02 15.59
C LEU A 146 6.16 -11.81 16.09
N LEU A 147 4.91 -11.67 15.66
CA LEU A 147 4.09 -10.53 16.09
C LEU A 147 3.88 -10.55 17.60
N LYS A 148 3.71 -11.74 18.18
CA LYS A 148 3.51 -11.84 19.62
C LYS A 148 4.74 -11.38 20.39
N GLU A 149 5.93 -11.82 19.97
CA GLU A 149 7.15 -11.42 20.67
C GLU A 149 7.46 -9.95 20.44
N LEU A 150 7.13 -9.44 19.26
CA LEU A 150 7.25 -8.00 19.01
C LEU A 150 6.32 -7.21 19.95
N ARG A 151 5.05 -7.65 20.05
CA ARG A 151 4.11 -6.97 20.93
C ARG A 151 4.58 -6.99 22.38
N GLU A 152 5.12 -8.13 22.84
CA GLU A 152 5.59 -8.21 24.21
C GLU A 152 6.74 -7.24 24.47
N GLU A 153 7.64 -7.09 23.50
CA GLU A 153 8.72 -6.13 23.66
C GLU A 153 8.22 -4.69 23.53
N PHE A 154 7.33 -4.44 22.56
CA PHE A 154 6.92 -3.07 22.28
C PHE A 154 6.09 -2.48 23.41
N ASP A 155 5.41 -3.31 24.18
CA ASP A 155 4.60 -2.79 25.28
C ASP A 155 5.45 -2.18 26.39
N ASN A 156 6.74 -2.52 26.45
CA ASN A 156 7.63 -1.85 27.39
C ASN A 156 7.94 -0.42 27.00
N TYR A 157 7.65 -0.02 25.75
CA TYR A 157 7.95 1.33 25.29
C TYR A 157 6.75 2.07 24.71
N GLY A 158 5.56 1.48 24.73
CA GLY A 158 4.38 2.15 24.21
C GLY A 158 4.39 2.32 22.70
N LEU A 159 5.05 1.44 21.98
CA LEU A 159 5.21 1.56 20.53
C LEU A 159 4.07 0.85 19.80
N LEU A 160 3.78 1.34 18.60
CA LEU A 160 2.75 0.73 17.77
C LEU A 160 3.33 -0.43 16.96
N LEU A 161 2.51 -1.45 16.76
CA LEU A 161 2.86 -2.57 15.89
C LEU A 161 1.72 -2.76 14.89
N THR A 162 2.04 -2.61 13.61
CA THR A 162 1.07 -2.75 12.54
C THR A 162 1.64 -3.65 11.45
N VAL A 163 0.76 -4.14 10.58
CA VAL A 163 1.16 -5.00 9.46
C VAL A 163 0.44 -4.56 8.20
N ALA A 164 1.08 -4.82 7.07
CA ALA A 164 0.45 -4.72 5.76
C ALA A 164 0.36 -6.12 5.18
N VAL A 165 -0.82 -6.49 4.68
CA VAL A 165 -1.13 -7.86 4.32
C VAL A 165 -1.82 -7.92 2.97
N SER A 166 -1.70 -9.07 2.31
CA SER A 166 -2.42 -9.31 1.07
C SER A 166 -3.93 -9.30 1.32
N ALA A 167 -4.68 -8.97 0.26
CA ALA A 167 -6.09 -8.59 0.41
C ALA A 167 -7.04 -9.75 0.19
N VAL A 168 -7.02 -10.37 -0.99
CA VAL A 168 -8.07 -11.31 -1.36
C VAL A 168 -7.89 -12.63 -0.64
N GLU A 169 -9.01 -13.37 -0.51
CA GLU A 169 -9.02 -14.58 0.30
C GLU A 169 -8.04 -15.61 -0.23
N GLU A 170 -7.98 -15.80 -1.55
CA GLU A 170 -7.07 -16.79 -2.12
C GLU A 170 -5.63 -16.51 -1.73
N ALA A 171 -5.28 -15.24 -1.54
CA ALA A 171 -3.93 -14.90 -1.11
C ALA A 171 -3.79 -15.01 0.41
N ALA A 172 -4.79 -14.50 1.15
CA ALA A 172 -4.65 -14.39 2.59
C ALA A 172 -4.56 -15.76 3.26
N VAL A 173 -5.34 -16.74 2.78
CA VAL A 173 -5.32 -18.06 3.41
C VAL A 173 -3.96 -18.73 3.30
N GLN A 174 -3.16 -18.34 2.30
CA GLN A 174 -1.82 -18.92 2.17
C GLN A 174 -0.86 -18.43 3.24
N SER A 175 -1.14 -17.29 3.87
CA SER A 175 -0.12 -16.57 4.64
C SER A 175 -0.45 -16.34 6.10
N TYR A 176 -1.73 -16.15 6.46
CA TYR A 176 -2.04 -15.61 7.78
C TYR A 176 -3.05 -16.47 8.52
N ASP A 177 -2.86 -16.59 9.83
CA ASP A 177 -3.93 -16.94 10.76
C ASP A 177 -4.51 -15.62 11.24
N VAL A 178 -5.62 -15.21 10.61
CA VAL A 178 -6.17 -13.87 10.83
C VAL A 178 -6.38 -13.55 12.31
N PRO A 179 -7.07 -14.39 13.11
CA PRO A 179 -7.30 -14.00 14.51
C PRO A 179 -6.02 -13.79 15.30
N SER A 180 -4.99 -14.59 15.05
CA SER A 180 -3.73 -14.40 15.76
C SER A 180 -3.06 -13.10 15.35
N VAL A 181 -3.11 -12.76 14.06
CA VAL A 181 -2.52 -11.50 13.60
C VAL A 181 -3.23 -10.30 14.24
N ALA A 182 -4.56 -10.28 14.14
CA ALA A 182 -5.33 -9.16 14.67
C ALA A 182 -5.15 -9.00 16.17
N LYS A 183 -4.86 -10.09 16.88
CA LYS A 183 -4.75 -10.02 18.33
C LYS A 183 -3.56 -9.15 18.76
N TYR A 184 -2.47 -9.17 18.00
CA TYR A 184 -1.21 -8.59 18.46
C TYR A 184 -0.90 -7.22 17.85
N VAL A 185 -1.59 -6.82 16.79
CA VAL A 185 -1.26 -5.59 16.11
C VAL A 185 -2.26 -4.50 16.52
N ASP A 186 -1.83 -3.25 16.37
CA ASP A 186 -2.75 -2.15 16.60
C ASP A 186 -3.77 -2.03 15.48
N TYR A 187 -3.34 -2.30 14.24
CA TYR A 187 -4.30 -2.44 13.15
C TYR A 187 -3.66 -3.24 12.02
N ILE A 188 -4.51 -3.74 11.14
CA ILE A 188 -4.11 -4.49 9.95
C ILE A 188 -4.40 -3.63 8.73
N GLY A 189 -3.36 -3.31 7.98
CA GLY A 189 -3.53 -2.58 6.75
C GLY A 189 -3.64 -3.49 5.56
N VAL A 190 -4.87 -3.68 5.06
CA VAL A 190 -5.13 -4.62 3.98
C VAL A 190 -4.83 -3.96 2.64
N MET A 191 -3.90 -4.54 1.88
CA MET A 191 -3.44 -3.95 0.63
C MET A 191 -4.46 -4.26 -0.46
N THR A 192 -5.56 -3.52 -0.43
CA THR A 192 -6.67 -3.70 -1.36
C THR A 192 -6.41 -2.93 -2.66
N TYR A 193 -5.33 -3.32 -3.32
CA TYR A 193 -4.97 -2.83 -4.64
C TYR A 193 -4.08 -3.88 -5.28
N ASP A 194 -3.56 -3.58 -6.47
CA ASP A 194 -2.85 -4.56 -7.29
C ASP A 194 -3.71 -5.79 -7.55
N MET A 195 -5.03 -5.59 -7.66
CA MET A 195 -5.93 -6.70 -7.93
C MET A 195 -5.65 -7.30 -9.30
N HIS A 196 -5.40 -6.46 -10.28
CA HIS A 196 -4.95 -6.87 -11.60
C HIS A 196 -3.82 -5.96 -12.04
N GLY A 197 -3.13 -6.37 -13.10
CA GLY A 197 -1.98 -5.61 -13.54
C GLY A 197 -1.37 -6.23 -14.76
N ALA A 198 -0.27 -5.62 -15.20
CA ALA A 198 0.38 -5.99 -16.45
C ALA A 198 0.82 -7.45 -16.49
N TRP A 199 0.92 -8.11 -15.33
CA TRP A 199 1.26 -9.52 -15.28
C TRP A 199 0.15 -10.42 -15.80
N ASP A 200 -1.07 -9.89 -15.96
CA ASP A 200 -2.20 -10.66 -16.46
C ASP A 200 -2.21 -10.70 -17.98
N SER A 201 -2.99 -11.62 -18.52
CA SER A 201 -3.17 -11.76 -19.95
C SER A 201 -4.32 -10.91 -20.49
N VAL A 202 -5.07 -10.25 -19.62
CA VAL A 202 -6.13 -9.35 -20.02
C VAL A 202 -6.07 -8.09 -19.17
N THR A 203 -6.64 -7.00 -19.70
CA THR A 203 -6.77 -5.79 -18.92
C THR A 203 -7.66 -6.05 -17.71
N GLY A 204 -7.43 -5.29 -16.66
CA GLY A 204 -8.23 -5.40 -15.45
C GLY A 204 -7.92 -4.22 -14.54
N HIS A 205 -8.79 -4.03 -13.56
CA HIS A 205 -8.70 -2.86 -12.70
C HIS A 205 -7.71 -3.09 -11.56
N ASN A 206 -6.99 -2.03 -11.23
CA ASN A 206 -6.02 -2.08 -10.14
C ASN A 206 -6.72 -2.28 -8.79
N ALA A 207 -7.82 -1.56 -8.56
CA ALA A 207 -8.55 -1.63 -7.30
C ALA A 207 -10.04 -1.49 -7.55
N PRO A 208 -10.64 -2.47 -8.23
CA PRO A 208 -12.10 -2.43 -8.43
C PRO A 208 -12.81 -2.66 -7.10
N LEU A 209 -13.85 -1.86 -6.87
CA LEU A 209 -14.61 -2.00 -5.64
C LEU A 209 -15.49 -3.24 -5.68
N PHE A 210 -16.18 -3.45 -6.80
CA PHE A 210 -17.04 -4.61 -6.99
C PHE A 210 -16.70 -5.33 -8.29
N ILE A 211 -17.57 -6.24 -8.73
CA ILE A 211 -17.40 -6.97 -9.98
C ILE A 211 -17.15 -5.98 -11.12
N SER A 212 -16.33 -6.38 -12.09
CA SER A 212 -15.93 -5.53 -13.19
C SER A 212 -16.61 -5.95 -14.47
N GLU A 213 -16.64 -5.03 -15.44
CA GLU A 213 -17.13 -5.35 -16.77
C GLU A 213 -16.34 -6.52 -17.36
N GLY A 214 -17.03 -7.40 -18.07
CA GLY A 214 -16.39 -8.54 -18.67
C GLY A 214 -16.14 -9.70 -17.73
N GLU A 215 -16.42 -9.56 -16.44
CA GLU A 215 -16.27 -10.63 -15.48
C GLU A 215 -17.58 -11.40 -15.34
N SER A 216 -17.46 -12.69 -15.06
CA SER A 216 -18.63 -13.54 -14.88
C SER A 216 -19.19 -13.37 -13.47
N ALA A 217 -20.51 -13.25 -13.39
CA ALA A 217 -21.17 -13.14 -12.09
C ALA A 217 -21.25 -14.47 -11.36
N GLU A 218 -20.84 -15.56 -12.00
CA GLU A 218 -20.78 -16.83 -11.32
C GLU A 218 -19.55 -16.88 -10.43
N GLN A 219 -19.70 -17.53 -9.27
CA GLN A 219 -18.74 -17.54 -8.16
C GLN A 219 -18.07 -16.17 -8.00
N GLU A 220 -18.92 -15.18 -7.71
CA GLU A 220 -18.49 -13.79 -7.54
C GLU A 220 -17.51 -13.62 -6.39
N SER A 221 -17.62 -14.47 -5.36
CA SER A 221 -16.79 -14.31 -4.17
C SER A 221 -15.33 -14.65 -4.41
N THR A 222 -14.99 -15.28 -5.53
CA THR A 222 -13.60 -15.56 -5.85
C THR A 222 -12.94 -14.46 -6.66
N LEU A 223 -13.69 -13.43 -7.07
CA LEU A 223 -13.10 -12.37 -7.87
C LEU A 223 -12.24 -11.46 -7.02
N TYR A 224 -11.25 -10.84 -7.67
CA TYR A 224 -10.28 -9.98 -7.00
C TYR A 224 -10.84 -8.55 -7.00
N ASN A 225 -11.55 -8.19 -5.93
CA ASN A 225 -11.99 -6.81 -5.78
C ASN A 225 -11.97 -6.43 -4.30
N VAL A 226 -12.14 -5.13 -4.05
CA VAL A 226 -11.96 -4.58 -2.71
C VAL A 226 -13.06 -5.09 -1.77
N ASN A 227 -14.30 -5.16 -2.26
CA ASN A 227 -15.39 -5.63 -1.42
C ASN A 227 -15.17 -7.06 -0.96
N ASN A 228 -14.79 -7.95 -1.89
CA ASN A 228 -14.51 -9.33 -1.51
C ASN A 228 -13.41 -9.41 -0.47
N ALA A 229 -12.34 -8.64 -0.65
CA ALA A 229 -11.21 -8.69 0.28
C ALA A 229 -11.61 -8.21 1.66
N VAL A 230 -12.29 -7.06 1.74
CA VAL A 230 -12.66 -6.50 3.03
C VAL A 230 -13.64 -7.41 3.75
N GLN A 231 -14.63 -7.95 3.03
CA GLN A 231 -15.57 -8.85 3.67
C GLN A 231 -14.92 -10.16 4.08
N TYR A 232 -13.91 -10.63 3.33
CA TYR A 232 -13.18 -11.79 3.81
C TYR A 232 -12.51 -11.51 5.15
N TRP A 233 -11.76 -10.41 5.23
CA TRP A 233 -11.00 -10.14 6.44
C TRP A 233 -11.90 -9.90 7.64
N LEU A 234 -13.06 -9.28 7.44
CA LEU A 234 -14.00 -9.11 8.54
C LEU A 234 -14.56 -10.45 9.01
N SER A 235 -14.89 -11.33 8.07
CA SER A 235 -15.45 -12.64 8.45
C SER A 235 -14.39 -13.59 8.99
N ALA A 236 -13.12 -13.41 8.63
CA ALA A 236 -12.05 -14.26 9.13
C ALA A 236 -11.63 -13.90 10.55
N GLY A 237 -12.10 -12.78 11.10
CA GLY A 237 -11.82 -12.46 12.48
C GLY A 237 -11.09 -11.16 12.75
N CYS A 238 -10.92 -10.31 11.74
CA CYS A 238 -10.35 -9.00 11.98
C CYS A 238 -11.48 -8.04 12.36
N PRO A 239 -11.48 -7.52 13.58
CA PRO A 239 -12.53 -6.58 13.96
C PRO A 239 -12.46 -5.35 13.08
N PRO A 240 -13.61 -4.69 12.84
CA PRO A 240 -13.58 -3.47 12.02
C PRO A 240 -12.63 -2.42 12.56
N GLU A 241 -12.54 -2.29 13.89
CA GLU A 241 -11.68 -1.28 14.49
C GLU A 241 -10.19 -1.57 14.33
N LYS A 242 -9.81 -2.71 13.76
CA LYS A 242 -8.42 -2.99 13.44
C LYS A 242 -8.18 -3.17 11.94
N LEU A 243 -9.21 -2.96 11.13
CA LEU A 243 -9.10 -3.12 9.68
C LEU A 243 -8.94 -1.74 9.04
N VAL A 244 -7.79 -1.52 8.41
CA VAL A 244 -7.51 -0.32 7.63
C VAL A 244 -7.47 -0.72 6.16
N MET A 245 -8.27 -0.04 5.35
CA MET A 245 -8.44 -0.41 3.95
C MET A 245 -7.45 0.35 3.09
N GLY A 246 -6.66 -0.39 2.31
CA GLY A 246 -5.71 0.23 1.42
C GLY A 246 -6.35 0.82 0.17
N VAL A 247 -5.79 1.93 -0.29
CA VAL A 247 -6.17 2.52 -1.58
C VAL A 247 -4.91 2.94 -2.32
N PRO A 248 -4.97 2.88 -3.65
CA PRO A 248 -3.78 3.25 -4.44
C PRO A 248 -3.80 4.70 -4.92
N PHE A 249 -2.65 5.37 -4.85
CA PHE A 249 -2.44 6.67 -5.46
C PHE A 249 -1.74 6.53 -6.81
N TYR A 250 -1.88 5.38 -7.45
CA TYR A 250 -1.22 5.08 -8.71
C TYR A 250 -2.18 4.23 -9.55
N GLY A 251 -1.84 4.10 -10.84
CA GLY A 251 -2.56 3.21 -11.73
C GLY A 251 -1.60 2.21 -12.36
N ARG A 252 -2.17 1.23 -13.05
CA ARG A 252 -1.40 0.21 -13.74
C ARG A 252 -1.73 0.26 -15.23
N THR A 253 -0.71 0.09 -16.06
CA THR A 253 -0.82 0.33 -17.49
C THR A 253 -0.58 -0.96 -18.28
N PHE A 254 -1.33 -1.12 -19.38
CA PHE A 254 -1.32 -2.32 -20.18
C PHE A 254 -1.07 -1.96 -21.65
N GLN A 255 -0.48 -2.90 -22.37
CA GLN A 255 -0.44 -2.83 -23.83
C GLN A 255 -1.52 -3.74 -24.39
N LEU A 256 -2.45 -3.16 -25.12
CA LEU A 256 -3.54 -3.94 -25.70
C LEU A 256 -3.03 -4.80 -26.85
N SER A 257 -3.55 -6.03 -26.92
CA SER A 257 -3.27 -6.86 -28.08
C SER A 257 -3.89 -6.26 -29.34
N ASP A 258 -5.10 -5.73 -29.21
CA ASP A 258 -5.83 -5.09 -30.31
C ASP A 258 -6.37 -3.78 -29.78
N PRO A 259 -5.96 -2.63 -30.33
CA PRO A 259 -6.45 -1.35 -29.79
C PRO A 259 -7.95 -1.16 -29.89
N SER A 260 -8.64 -1.91 -30.76
CA SER A 260 -10.08 -1.79 -30.89
C SER A 260 -10.85 -2.65 -29.89
N VAL A 261 -10.16 -3.53 -29.17
CA VAL A 261 -10.76 -4.29 -28.08
C VAL A 261 -10.19 -3.72 -26.78
N ASN A 262 -10.91 -2.78 -26.17
CA ASN A 262 -10.37 -1.92 -25.14
C ASN A 262 -11.26 -1.83 -23.90
N ALA A 263 -12.20 -2.76 -23.75
CA ALA A 263 -12.97 -2.84 -22.53
C ALA A 263 -12.10 -3.44 -21.43
N PRO A 264 -12.52 -3.34 -20.17
CA PRO A 264 -11.89 -4.17 -19.14
C PRO A 264 -12.02 -5.64 -19.52
N ASN A 265 -10.97 -6.41 -19.18
CA ASN A 265 -10.90 -7.83 -19.48
C ASN A 265 -10.81 -8.09 -20.98
N SER A 266 -9.98 -7.27 -21.68
CA SER A 266 -9.59 -7.41 -23.07
C SER A 266 -8.16 -7.94 -23.15
N PRO A 267 -7.83 -8.72 -24.18
CA PRO A 267 -6.48 -9.30 -24.28
C PRO A 267 -5.41 -8.23 -24.22
N SER A 268 -4.32 -8.53 -23.49
CA SER A 268 -3.23 -7.59 -23.29
C SER A 268 -1.90 -8.29 -23.54
N ASN A 269 -0.89 -7.48 -23.91
CA ASN A 269 0.42 -7.97 -24.32
C ASN A 269 1.54 -7.56 -23.36
N GLY A 270 1.19 -7.35 -22.09
CA GLY A 270 2.17 -6.94 -21.11
C GLY A 270 1.98 -5.50 -20.67
N ALA A 271 3.08 -4.91 -20.21
CA ALA A 271 3.03 -3.61 -19.57
C ALA A 271 2.84 -2.50 -20.60
N GLY A 272 2.18 -1.43 -20.16
CA GLY A 272 1.93 -0.25 -20.96
C GLY A 272 2.93 0.85 -20.65
N LEU A 273 2.45 2.09 -20.72
CA LEU A 273 3.34 3.24 -20.62
C LEU A 273 3.98 3.33 -19.23
N ALA A 274 5.03 4.13 -19.17
CA ALA A 274 5.66 4.53 -17.92
C ALA A 274 5.41 6.01 -17.67
N GLY A 275 5.51 6.41 -16.41
CA GLY A 275 5.40 7.79 -16.02
C GLY A 275 6.74 8.47 -16.01
N PRO A 276 6.76 9.80 -16.11
CA PRO A 276 8.04 10.52 -16.23
C PRO A 276 8.94 10.37 -15.01
N TYR A 277 8.38 10.25 -13.82
CA TYR A 277 9.17 10.21 -12.59
C TYR A 277 9.23 8.83 -11.96
N THR A 278 8.13 8.08 -11.98
CA THR A 278 8.15 6.72 -11.47
C THR A 278 9.00 5.81 -12.37
N ALA A 279 8.94 6.05 -13.69
CA ALA A 279 9.87 5.46 -14.65
C ALA A 279 9.89 3.93 -14.57
N GLU A 280 8.72 3.32 -14.64
CA GLU A 280 8.63 1.86 -14.76
C GLU A 280 7.39 1.53 -15.58
N SER A 281 7.63 0.88 -16.72
CA SER A 281 6.54 0.40 -17.56
C SER A 281 5.61 -0.49 -16.74
N GLY A 282 4.31 -0.26 -16.89
CA GLY A 282 3.31 -1.03 -16.19
C GLY A 282 2.63 -0.30 -15.04
N TYR A 283 3.14 0.84 -14.60
CA TYR A 283 2.46 1.57 -13.53
C TYR A 283 2.78 3.05 -13.68
N VAL A 284 1.88 3.86 -13.13
CA VAL A 284 1.93 5.31 -13.31
C VAL A 284 1.30 5.96 -12.10
N GLY A 285 1.96 6.99 -11.59
CA GLY A 285 1.41 7.71 -10.45
C GLY A 285 0.18 8.51 -10.85
N TYR A 286 -0.69 8.73 -9.87
CA TYR A 286 -1.86 9.57 -10.15
C TYR A 286 -1.44 10.98 -10.56
N ASN A 287 -0.40 11.51 -9.92
CA ASN A 287 0.12 12.81 -10.32
C ASN A 287 0.56 12.79 -11.79
N GLU A 288 1.19 11.71 -12.23
CA GLU A 288 1.67 11.64 -13.59
C GLU A 288 0.53 11.43 -14.59
N PHE A 289 -0.45 10.59 -14.25
CA PHE A 289 -1.47 10.26 -15.24
C PHE A 289 -2.58 11.31 -15.34
N CYS A 290 -2.94 11.97 -14.23
CA CYS A 290 -3.90 13.06 -14.35
C CYS A 290 -3.34 14.19 -15.21
N TYR A 291 -2.02 14.40 -15.16
CA TYR A 291 -1.39 15.39 -16.03
C TYR A 291 -1.33 14.90 -17.47
N ILE A 292 -1.02 13.61 -17.66
CA ILE A 292 -1.01 13.04 -19.01
C ILE A 292 -2.38 13.17 -19.66
N LEU A 293 -3.44 12.84 -18.91
CA LEU A 293 -4.80 13.01 -19.40
C LEU A 293 -5.09 14.47 -19.72
N GLN A 294 -4.61 15.38 -18.88
CA GLN A 294 -4.87 16.80 -19.07
C GLN A 294 -4.24 17.32 -20.35
N GLN A 295 -3.05 16.82 -20.69
CA GLN A 295 -2.24 17.39 -21.76
C GLN A 295 -2.44 16.71 -23.11
N GLU A 296 -3.23 15.64 -23.17
CA GLU A 296 -3.46 14.88 -24.39
C GLU A 296 -4.93 14.54 -24.46
N SER A 297 -5.71 15.34 -25.20
CA SER A 297 -7.14 15.15 -25.27
C SER A 297 -7.54 13.91 -26.07
N SER A 298 -6.58 13.25 -26.73
CA SER A 298 -6.90 12.06 -27.50
C SER A 298 -7.28 10.87 -26.64
N TRP A 299 -6.96 10.91 -25.34
CA TRP A 299 -7.33 9.80 -24.47
C TRP A 299 -8.85 9.71 -24.36
N THR A 300 -9.34 8.48 -24.24
CA THR A 300 -10.74 8.21 -23.97
C THR A 300 -10.83 7.69 -22.54
N VAL A 301 -11.47 8.46 -21.67
CA VAL A 301 -11.65 8.08 -20.27
C VAL A 301 -13.08 7.57 -20.10
N GLN A 302 -13.22 6.40 -19.49
CA GLN A 302 -14.52 5.80 -19.21
C GLN A 302 -14.54 5.36 -17.75
N THR A 303 -15.75 5.29 -17.19
CA THR A 303 -15.96 4.71 -15.87
C THR A 303 -16.59 3.33 -16.03
N ASP A 304 -16.00 2.34 -15.38
CA ASP A 304 -16.63 1.03 -15.20
C ASP A 304 -17.64 1.20 -14.09
N ASN A 305 -18.92 1.29 -14.45
CA ASN A 305 -19.95 1.58 -13.45
C ASN A 305 -20.30 0.37 -12.60
N LEU A 306 -19.82 -0.82 -12.95
CA LEU A 306 -19.96 -1.97 -12.06
C LEU A 306 -18.89 -1.96 -10.97
N ALA A 307 -17.63 -1.77 -11.36
CA ALA A 307 -16.52 -1.78 -10.43
C ALA A 307 -16.29 -0.43 -9.74
N LYS A 308 -16.95 0.63 -10.21
CA LYS A 308 -16.86 1.98 -9.64
C LYS A 308 -15.47 2.59 -9.79
N VAL A 309 -14.77 2.29 -10.89
CA VAL A 309 -13.43 2.84 -11.11
C VAL A 309 -13.26 3.20 -12.57
N PRO A 310 -12.44 4.21 -12.85
CA PRO A 310 -12.23 4.64 -14.22
C PRO A 310 -11.06 3.91 -14.88
N TYR A 311 -11.10 3.90 -16.21
CA TYR A 311 -9.99 3.44 -17.02
C TYR A 311 -9.92 4.31 -18.27
N ALA A 312 -8.80 4.23 -18.97
CA ALA A 312 -8.57 5.09 -20.12
C ALA A 312 -7.74 4.35 -21.14
N PHE A 313 -7.97 4.65 -22.42
CA PHE A 313 -7.21 4.04 -23.48
C PHE A 313 -6.89 5.07 -24.56
N LEU A 314 -5.75 4.83 -25.20
CA LEU A 314 -5.32 5.62 -26.35
C LEU A 314 -4.46 4.68 -27.19
N ASP A 315 -4.98 4.28 -28.35
CA ASP A 315 -4.27 3.36 -29.24
C ASP A 315 -3.92 2.08 -28.49
N TYR A 316 -2.63 1.81 -28.30
CA TYR A 316 -2.24 0.56 -27.66
C TYR A 316 -2.19 0.66 -26.14
N ASN A 317 -2.34 1.85 -25.57
CA ASN A 317 -2.30 2.03 -24.13
C ASN A 317 -3.69 1.79 -23.52
N TRP A 318 -3.71 1.08 -22.40
CA TRP A 318 -4.90 0.89 -21.58
C TRP A 318 -4.48 1.07 -20.13
N VAL A 319 -5.15 1.98 -19.43
CA VAL A 319 -4.73 2.38 -18.09
C VAL A 319 -5.91 2.26 -17.13
N SER A 320 -5.71 1.51 -16.06
CA SER A 320 -6.60 1.52 -14.91
C SER A 320 -6.04 2.49 -13.88
N PHE A 321 -6.91 3.28 -13.27
CA PHE A 321 -6.46 4.26 -12.30
C PHE A 321 -7.61 4.61 -11.37
N ASP A 322 -7.33 5.48 -10.41
CA ASP A 322 -8.32 5.96 -9.46
C ASP A 322 -8.26 7.48 -9.43
N ASN A 323 -9.44 8.10 -9.42
CA ASN A 323 -9.54 9.56 -9.38
C ASN A 323 -10.32 9.95 -8.12
N VAL A 324 -10.66 11.24 -8.03
CA VAL A 324 -11.36 11.74 -6.86
C VAL A 324 -12.71 11.04 -6.70
N GLU A 325 -13.40 10.78 -7.81
CA GLU A 325 -14.70 10.12 -7.72
C GLU A 325 -14.58 8.69 -7.23
N SER A 326 -13.63 7.92 -7.77
CA SER A 326 -13.45 6.55 -7.31
C SER A 326 -12.87 6.51 -5.90
N MET A 327 -12.03 7.49 -5.54
CA MET A 327 -11.54 7.57 -4.16
C MET A 327 -12.68 7.86 -3.20
N THR A 328 -13.57 8.78 -3.56
CA THR A 328 -14.76 9.05 -2.75
C THR A 328 -15.57 7.77 -2.54
N ALA A 329 -15.81 7.02 -3.62
CA ALA A 329 -16.55 5.77 -3.50
C ALA A 329 -15.86 4.80 -2.55
N LYS A 330 -14.53 4.76 -2.58
CA LYS A 330 -13.80 3.82 -1.72
C LYS A 330 -13.93 4.20 -0.25
N VAL A 331 -13.74 5.49 0.07
CA VAL A 331 -13.78 5.89 1.47
C VAL A 331 -15.21 5.82 2.01
N GLU A 332 -16.21 6.11 1.17
CA GLU A 332 -17.59 5.90 1.59
C GLU A 332 -17.86 4.44 1.90
N TYR A 333 -17.30 3.53 1.09
CA TYR A 333 -17.44 2.12 1.37
C TYR A 333 -16.83 1.76 2.72
N ALA A 334 -15.63 2.27 3.00
CA ALA A 334 -14.97 1.97 4.26
C ALA A 334 -15.75 2.54 5.44
N ASN A 335 -16.22 3.78 5.33
CA ASN A 335 -17.11 4.34 6.34
C ASN A 335 -18.31 3.44 6.59
N SER A 336 -18.89 2.91 5.52
CA SER A 336 -20.15 2.19 5.61
C SER A 336 -20.00 0.83 6.29
N PHE A 337 -18.78 0.33 6.43
CA PHE A 337 -18.54 -0.88 7.21
C PHE A 337 -17.77 -0.58 8.50
N ASN A 338 -17.75 0.70 8.90
CA ASN A 338 -17.17 1.13 10.17
C ASN A 338 -15.71 0.72 10.28
N LEU A 339 -14.99 0.73 9.16
CA LEU A 339 -13.58 0.36 9.19
C LEU A 339 -12.77 1.43 9.93
N ARG A 340 -11.60 1.00 10.42
CA ARG A 340 -10.79 1.87 11.27
C ARG A 340 -10.27 3.08 10.51
N GLY A 341 -10.00 2.93 9.21
CA GLY A 341 -9.50 4.05 8.44
C GLY A 341 -9.00 3.62 7.08
N ILE A 342 -8.16 4.47 6.49
CA ILE A 342 -7.66 4.29 5.15
C ILE A 342 -6.13 4.30 5.18
N MET A 343 -5.53 3.36 4.45
CA MET A 343 -4.10 3.34 4.20
C MET A 343 -3.87 3.57 2.72
N LEU A 344 -2.92 4.44 2.39
CA LEU A 344 -2.69 4.83 1.02
C LEU A 344 -1.27 4.51 0.60
N TRP A 345 -1.12 3.95 -0.59
CA TRP A 345 0.17 3.78 -1.24
C TRP A 345 0.14 4.53 -2.55
N SER A 346 0.93 5.60 -2.66
CA SER A 346 1.70 6.18 -1.57
C SER A 346 1.62 7.70 -1.74
N ILE A 347 2.04 8.45 -0.71
CA ILE A 347 1.73 9.88 -0.70
C ILE A 347 2.43 10.62 -1.83
N GLU A 348 3.59 10.14 -2.27
CA GLU A 348 4.39 10.89 -3.23
C GLU A 348 3.85 10.88 -4.66
N THR A 349 2.77 10.14 -4.95
CA THR A 349 2.14 10.21 -6.26
C THR A 349 0.72 10.76 -6.21
N ASP A 350 0.31 11.35 -5.09
CA ASP A 350 -0.84 12.26 -5.16
C ASP A 350 -0.46 13.45 -6.04
N ASP A 351 -1.47 14.18 -6.48
CA ASP A 351 -1.20 15.42 -7.23
C ASP A 351 -0.84 16.51 -6.22
N PHE A 352 0.34 16.34 -5.61
CA PHE A 352 0.73 17.23 -4.52
C PHE A 352 1.04 18.64 -5.01
N HIS A 353 1.39 18.81 -6.28
CA HIS A 353 1.55 20.15 -6.84
C HIS A 353 0.22 20.76 -7.28
N GLY A 354 -0.82 19.95 -7.41
CA GLY A 354 -2.10 20.46 -7.89
C GLY A 354 -2.08 20.89 -9.34
N LEU A 355 -1.39 20.15 -10.19
CA LEU A 355 -1.35 20.48 -11.61
C LEU A 355 -2.63 20.13 -12.34
N CYS A 356 -3.50 19.31 -11.74
CA CYS A 356 -4.62 18.70 -12.45
C CYS A 356 -5.95 19.33 -12.11
N GLY A 357 -5.94 20.51 -11.49
CA GLY A 357 -7.16 21.30 -11.37
C GLY A 357 -8.15 20.87 -10.31
N GLU A 358 -7.72 20.10 -9.32
CA GLU A 358 -8.62 19.67 -8.26
C GLU A 358 -8.01 19.96 -6.88
N GLY A 359 -7.13 20.96 -6.81
CA GLY A 359 -6.47 21.26 -5.56
C GLY A 359 -5.25 20.40 -5.34
N THR A 360 -4.39 20.89 -4.45
CA THR A 360 -3.24 20.10 -4.02
C THR A 360 -3.71 18.90 -3.21
N PHE A 361 -2.96 17.80 -3.34
CA PHE A 361 -3.26 16.55 -2.67
C PHE A 361 -4.75 16.17 -2.82
N PRO A 362 -5.26 16.11 -4.06
CA PRO A 362 -6.71 15.89 -4.21
C PRO A 362 -7.17 14.55 -3.67
N LEU A 363 -6.36 13.49 -3.83
CA LEU A 363 -6.75 12.18 -3.31
C LEU A 363 -6.69 12.15 -1.80
N LEU A 364 -5.61 12.67 -1.22
CA LEU A 364 -5.47 12.68 0.24
C LEU A 364 -6.50 13.60 0.89
N ASN A 365 -6.76 14.75 0.27
CA ASN A 365 -7.80 15.63 0.81
C ASN A 365 -9.17 14.99 0.69
N THR A 366 -9.41 14.23 -0.37
CA THR A 366 -10.66 13.50 -0.50
C THR A 366 -10.83 12.50 0.63
N ILE A 367 -9.75 11.76 0.95
CA ILE A 367 -9.80 10.80 2.04
C ILE A 367 -10.15 11.49 3.36
N ASN A 368 -9.45 12.58 3.66
CA ASN A 368 -9.70 13.29 4.91
C ASN A 368 -11.13 13.82 4.98
N THR A 369 -11.64 14.33 3.86
CA THR A 369 -12.97 14.95 3.85
C THR A 369 -14.07 13.90 4.01
N VAL A 370 -13.98 12.81 3.25
CA VAL A 370 -15.02 11.78 3.32
C VAL A 370 -14.96 11.01 4.63
N LEU A 371 -13.76 10.80 5.17
CA LEU A 371 -13.65 10.18 6.48
C LEU A 371 -14.27 11.07 7.57
N ALA A 372 -13.98 12.38 7.50
CA ALA A 372 -14.49 13.30 8.53
C ALA A 372 -16.00 13.30 8.60
N GLU A 373 -16.67 13.18 7.45
CA GLU A 373 -18.12 13.15 7.41
C GLU A 373 -18.64 11.77 7.78
#